data_8TCT
#
_entry.id   8TCT
#
_cell.length_a   122.287
_cell.length_b   122.287
_cell.length_c   68.747
_cell.angle_alpha   90.00
_cell.angle_beta   90.00
_cell.angle_gamma   120.00
#
_symmetry.space_group_name_H-M   'P 32 2 1'
#
loop_
_entity.id
_entity.type
_entity.pdbx_description
1 polymer 'Sugar phosphate isomerase/epimerase'
2 non-polymer 1,5-anhydro-D-ribo-hex-3-ulose
3 non-polymer 'COBALT (II) ION'
4 non-polymer 'PHOSPHATE ION'
5 water water
#
_entity_poly.entity_id   1
_entity_poly.type   'polypeptide(L)'
_entity_poly.pdbx_seq_one_letter_code
;MQSKTKAKAKKEVAIQLYSVRDILNKVDNKDGKCDAAYITLLKNLAKMGYTSVEAANYNNGKFYDRTPDQFKKDVESAGL
KVLSSHCTRGLSKEELASGDFSSSLQWWDQCIADHKAAGMSYIVAPWMDVPKTLKELDTYCAYYNEIGKRCKQQGMSFGY
HNHAHEFQKVEDKVMYDYMIEHTNPEYVFFQMDVYWVVRGQNSPVDYFNKYPGRFKMFHIKDHREIGQSGMVGFDAIFKN
AKTAGVKHLVAEIESYSMPVEKSVEVSLDYLLDAPFVKSSYAKHHHHHH
;
_entity_poly.pdbx_strand_id   A
#
loop_
_chem_comp.id
_chem_comp.type
_chem_comp.name
_chem_comp.formula
CO non-polymer 'COBALT (II) ION' 'Co 2'
PO4 non-polymer 'PHOSPHATE ION' 'O4 P -3'
UC6 non-polymer 1,5-anhydro-D-ribo-hex-3-ulose 'C6 H10 O5'
#
# COMPACT_ATOMS: atom_id res chain seq x y z
N ALA A 9 4.78 24.10 -0.64
CA ALA A 9 4.81 23.36 -1.93
C ALA A 9 3.74 22.27 -1.88
N LYS A 10 2.73 22.30 -2.76
CA LYS A 10 1.72 21.25 -2.79
C LYS A 10 2.26 20.07 -3.61
N LYS A 11 2.27 18.88 -3.02
CA LYS A 11 2.54 17.68 -3.80
C LYS A 11 1.52 16.61 -3.41
N GLU A 12 1.24 15.70 -4.32
CA GLU A 12 0.43 14.51 -4.03
C GLU A 12 1.26 13.49 -3.25
N VAL A 13 0.83 13.26 -2.02
CA VAL A 13 1.36 12.26 -1.11
C VAL A 13 0.20 11.70 -0.30
N ALA A 14 0.02 10.36 -0.34
CA ALA A 14 -0.89 9.67 0.54
C ALA A 14 -0.21 9.39 1.87
N ILE A 15 -1.05 9.26 2.89
CA ILE A 15 -0.62 8.76 4.18
C ILE A 15 -1.18 7.37 4.39
N GLN A 16 -0.29 6.43 4.76
CA GLN A 16 -0.70 5.13 5.20
C GLN A 16 -1.25 5.32 6.61
N LEU A 17 -2.52 4.98 6.83
CA LEU A 17 -3.15 5.24 8.13
C LEU A 17 -2.61 4.36 9.25
N TYR A 18 -1.89 3.32 8.88
CA TYR A 18 -1.15 2.55 9.85
C TYR A 18 -0.24 3.48 10.67
N SER A 19 0.21 4.58 10.05
CA SER A 19 1.09 5.52 10.68
C SER A 19 0.44 6.12 11.92
N VAL A 20 -0.91 6.20 11.92
CA VAL A 20 -1.63 6.82 13.04
C VAL A 20 -2.49 5.79 13.74
N ARG A 21 -2.00 4.56 13.70
CA ARG A 21 -2.72 3.48 14.30
C ARG A 21 -2.93 3.73 15.81
N ASP A 22 -2.07 4.51 16.46
CA ASP A 22 -2.18 4.65 17.92
C ASP A 22 -3.47 5.41 18.26
N ILE A 23 -3.82 6.39 17.43
CA ILE A 23 -5.11 7.07 17.50
C ILE A 23 -6.21 6.15 17.00
N LEU A 24 -6.06 5.58 15.80
CA LEU A 24 -7.17 4.87 15.18
C LEU A 24 -7.54 3.57 15.89
N ASN A 25 -6.60 2.92 16.54
CA ASN A 25 -6.89 1.69 17.26
C ASN A 25 -7.81 1.95 18.45
N LYS A 26 -7.92 3.20 18.92
CA LYS A 26 -8.71 3.49 20.12
C LYS A 26 -10.01 4.24 19.80
N VAL A 27 -10.31 4.48 18.53
CA VAL A 27 -11.45 5.32 18.19
C VAL A 27 -12.67 4.39 18.23
N ASP A 28 -13.84 4.92 18.54
CA ASP A 28 -15.00 4.07 18.74
C ASP A 28 -16.06 4.48 17.71
N ASN A 29 -16.14 3.75 16.59
CA ASN A 29 -17.10 4.01 15.53
C ASN A 29 -18.17 2.89 15.53
N LYS A 30 -18.36 2.24 16.69
CA LYS A 30 -19.23 1.09 16.81
C LYS A 30 -20.65 1.56 17.15
N ASP A 31 -21.61 0.70 16.86
CA ASP A 31 -22.97 0.90 17.33
C ASP A 31 -23.52 2.24 16.84
N GLY A 32 -23.13 2.63 15.62
CA GLY A 32 -23.73 3.80 15.01
C GLY A 32 -22.97 5.09 15.29
N LYS A 33 -21.91 5.05 16.07
CA LYS A 33 -21.21 6.28 16.42
C LYS A 33 -20.16 6.65 15.38
N CYS A 34 -19.87 7.95 15.34
CA CYS A 34 -18.75 8.46 14.59
C CYS A 34 -17.87 9.22 15.57
N ASP A 35 -16.71 8.69 15.91
CA ASP A 35 -15.83 9.28 16.91
C ASP A 35 -15.22 10.59 16.43
N ALA A 36 -15.43 11.69 17.20
CA ALA A 36 -14.89 12.97 16.78
C ALA A 36 -13.35 12.95 16.64
N ALA A 37 -12.66 12.13 17.43
CA ALA A 37 -11.22 12.01 17.32
C ALA A 37 -10.80 11.44 15.95
N TYR A 38 -11.62 10.55 15.37
CA TYR A 38 -11.40 9.96 14.05
C TYR A 38 -11.46 11.02 12.98
N ILE A 39 -12.52 11.83 13.03
CA ILE A 39 -12.72 12.88 12.03
C ILE A 39 -11.64 13.96 12.14
N THR A 40 -11.31 14.28 13.40
CA THR A 40 -10.32 15.32 13.64
C THR A 40 -8.97 14.86 13.05
N LEU A 41 -8.62 13.60 13.28
CA LEU A 41 -7.40 13.04 12.73
C LEU A 41 -7.34 13.20 11.22
N LEU A 42 -8.45 12.89 10.55
CA LEU A 42 -8.47 12.96 9.11
C LEU A 42 -8.25 14.40 8.70
N LYS A 43 -8.96 15.30 9.39
CA LYS A 43 -8.84 16.70 9.02
C LYS A 43 -7.40 17.22 9.28
N ASN A 44 -6.78 16.81 10.39
CA ASN A 44 -5.41 17.19 10.68
C ASN A 44 -4.45 16.68 9.59
N LEU A 45 -4.67 15.44 9.12
CA LEU A 45 -3.78 14.90 8.08
C LEU A 45 -3.88 15.74 6.83
N ALA A 46 -5.09 16.18 6.46
CA ALA A 46 -5.23 17.05 5.31
C ALA A 46 -4.55 18.40 5.53
N LYS A 47 -4.65 18.89 6.77
CA LYS A 47 -4.13 20.20 7.10
C LYS A 47 -2.60 20.20 7.03
N MET A 48 -1.98 19.07 7.37
CA MET A 48 -0.54 18.86 7.17
C MET A 48 -0.14 18.94 5.70
N GLY A 49 -1.06 18.62 4.79
CA GLY A 49 -0.79 18.61 3.36
C GLY A 49 -0.83 17.22 2.68
N TYR A 50 -1.21 16.16 3.40
CA TYR A 50 -1.51 14.89 2.73
C TYR A 50 -2.72 15.06 1.83
N THR A 51 -2.69 14.43 0.66
CA THR A 51 -3.75 14.55 -0.33
C THR A 51 -4.65 13.31 -0.35
N SER A 52 -4.26 12.20 0.28
CA SER A 52 -5.05 10.99 0.14
C SER A 52 -4.65 10.03 1.23
N VAL A 53 -5.45 8.99 1.43
CA VAL A 53 -5.14 7.99 2.43
C VAL A 53 -4.97 6.63 1.78
N GLU A 54 -4.19 5.81 2.45
CA GLU A 54 -4.20 4.37 2.28
C GLU A 54 -4.60 3.76 3.59
N ALA A 55 -5.73 3.06 3.53
CA ALA A 55 -6.26 2.42 4.70
C ALA A 55 -5.40 1.25 5.14
N ALA A 56 -5.48 1.00 6.44
CA ALA A 56 -4.87 -0.18 7.01
C ALA A 56 -5.85 -0.86 7.96
N ASN A 57 -7.13 -0.92 7.63
CA ASN A 57 -8.09 -1.59 8.46
C ASN A 57 -9.32 -1.87 7.58
N TYR A 58 -9.53 -3.14 7.32
CA TYR A 58 -10.67 -3.57 6.57
C TYR A 58 -11.08 -4.87 7.23
N ASN A 59 -12.27 -4.93 7.75
CA ASN A 59 -12.75 -6.05 8.56
C ASN A 59 -14.28 -5.95 8.56
N ASN A 60 -14.97 -7.06 8.33
CA ASN A 60 -16.42 -7.17 8.46
C ASN A 60 -17.09 -6.14 7.57
N GLY A 61 -16.57 -5.94 6.35
CA GLY A 61 -17.23 -5.06 5.42
C GLY A 61 -17.03 -3.58 5.78
N LYS A 62 -16.12 -3.26 6.68
CA LYS A 62 -15.96 -1.90 7.14
C LYS A 62 -14.51 -1.51 7.21
N PHE A 63 -14.33 -0.19 7.13
CA PHE A 63 -13.05 0.44 7.27
C PHE A 63 -13.12 1.25 8.57
N TYR A 64 -12.32 0.88 9.56
CA TYR A 64 -12.35 1.54 10.87
C TYR A 64 -13.79 1.60 11.40
N ASP A 65 -14.53 0.51 11.24
CA ASP A 65 -15.91 0.42 11.68
C ASP A 65 -16.84 1.40 10.99
N ARG A 66 -16.48 1.84 9.79
CA ARG A 66 -17.33 2.66 8.95
C ARG A 66 -17.62 1.84 7.71
N THR A 67 -18.87 1.92 7.22
CA THR A 67 -19.15 1.33 5.93
C THR A 67 -18.30 2.02 4.86
N PRO A 68 -18.13 1.35 3.70
CA PRO A 68 -17.36 1.92 2.62
C PRO A 68 -17.88 3.30 2.21
N ASP A 69 -19.19 3.44 2.06
CA ASP A 69 -19.78 4.72 1.75
C ASP A 69 -19.54 5.75 2.85
N GLN A 70 -19.60 5.33 4.12
CA GLN A 70 -19.30 6.29 5.17
C GLN A 70 -17.83 6.73 5.12
N PHE A 71 -16.90 5.76 5.05
CA PHE A 71 -15.47 6.04 4.96
C PHE A 71 -15.15 7.04 3.86
N LYS A 72 -15.75 6.83 2.69
CA LYS A 72 -15.56 7.73 1.58
C LYS A 72 -15.93 9.17 1.95
N LYS A 73 -17.12 9.31 2.53
CA LYS A 73 -17.64 10.60 2.91
C LYS A 73 -16.78 11.20 4.02
N ASP A 74 -16.34 10.37 4.95
CA ASP A 74 -15.52 10.85 6.04
C ASP A 74 -14.22 11.43 5.50
N VAL A 75 -13.58 10.68 4.61
CA VAL A 75 -12.26 11.04 4.13
C VAL A 75 -12.36 12.24 3.20
N GLU A 76 -13.30 12.15 2.26
CA GLU A 76 -13.46 13.18 1.25
C GLU A 76 -13.87 14.50 1.91
N SER A 77 -14.71 14.45 2.96
CA SER A 77 -15.16 15.69 3.58
CA SER A 77 -15.17 15.65 3.64
C SER A 77 -14.01 16.32 4.37
N ALA A 78 -13.00 15.56 4.72
CA ALA A 78 -11.85 16.16 5.39
C ALA A 78 -10.89 16.78 4.38
N GLY A 79 -11.18 16.67 3.11
CA GLY A 79 -10.32 17.18 2.06
C GLY A 79 -9.31 16.15 1.52
N LEU A 80 -9.51 14.84 1.77
CA LEU A 80 -8.59 13.80 1.31
C LEU A 80 -9.25 12.92 0.28
N LYS A 81 -8.47 12.36 -0.64
CA LYS A 81 -8.91 11.29 -1.53
C LYS A 81 -8.75 9.93 -0.85
N VAL A 82 -9.65 9.02 -1.20
CA VAL A 82 -9.53 7.62 -0.81
C VAL A 82 -8.72 6.89 -1.88
N LEU A 83 -7.44 6.65 -1.62
CA LEU A 83 -6.56 6.20 -2.69
C LEU A 83 -6.49 4.68 -2.67
N SER A 84 -6.15 4.08 -1.53
CA SER A 84 -5.70 2.71 -1.51
C SER A 84 -6.02 2.11 -0.16
N SER A 85 -5.72 0.83 -0.06
CA SER A 85 -5.98 0.06 1.13
C SER A 85 -5.04 -1.13 1.15
N HIS A 86 -4.63 -1.52 2.36
CA HIS A 86 -3.81 -2.71 2.56
C HIS A 86 -4.71 -3.80 3.11
N CYS A 87 -4.95 -4.84 2.32
CA CYS A 87 -5.63 -6.00 2.85
C CYS A 87 -5.39 -7.17 1.91
N THR A 88 -5.49 -8.37 2.47
CA THR A 88 -5.27 -9.56 1.67
C THR A 88 -5.93 -10.72 2.40
N ARG A 89 -5.89 -11.87 1.75
CA ARG A 89 -6.35 -13.12 2.29
C ARG A 89 -5.46 -14.21 1.69
N GLY A 90 -4.78 -14.94 2.58
CA GLY A 90 -3.88 -16.02 2.19
C GLY A 90 -4.66 -17.25 1.78
N LEU A 91 -4.00 -18.16 1.05
CA LEU A 91 -4.64 -19.38 0.55
C LEU A 91 -4.59 -20.46 1.63
N SER A 92 -5.60 -21.34 1.70
CA SER A 92 -5.53 -22.52 2.60
C SER A 92 -4.58 -23.59 2.03
N LYS A 93 -4.03 -24.44 2.91
CA LYS A 93 -3.21 -25.60 2.54
C LYS A 93 -3.94 -26.35 1.43
N GLU A 94 -5.24 -26.52 1.61
CA GLU A 94 -6.09 -27.12 0.61
C GLU A 94 -5.98 -26.40 -0.74
N GLU A 95 -6.20 -25.08 -0.73
CA GLU A 95 -6.28 -24.32 -1.98
C GLU A 95 -4.95 -24.41 -2.74
N LEU A 96 -3.88 -24.41 -1.94
CA LEU A 96 -2.52 -24.44 -2.44
C LEU A 96 -2.25 -25.80 -3.07
N ALA A 97 -2.77 -26.86 -2.44
CA ALA A 97 -2.56 -28.21 -2.90
C ALA A 97 -3.42 -28.48 -4.13
N SER A 98 -4.63 -27.94 -4.19
CA SER A 98 -5.51 -28.22 -5.32
C SER A 98 -5.28 -27.23 -6.44
N GLY A 99 -4.69 -26.10 -6.04
CA GLY A 99 -4.70 -24.93 -6.91
C GLY A 99 -6.10 -24.39 -7.19
N ASP A 100 -7.10 -24.72 -6.37
CA ASP A 100 -8.43 -24.15 -6.61
C ASP A 100 -8.77 -23.11 -5.53
N PHE A 101 -8.91 -21.82 -5.92
CA PHE A 101 -8.95 -20.78 -4.90
C PHE A 101 -10.27 -19.99 -4.98
N SER A 102 -11.30 -20.64 -5.55
CA SER A 102 -12.69 -20.20 -5.49
C SER A 102 -13.09 -19.63 -4.14
N SER A 103 -12.78 -20.35 -3.07
CA SER A 103 -13.26 -19.93 -1.78
C SER A 103 -12.71 -18.54 -1.45
N SER A 104 -11.43 -18.41 -1.72
CA SER A 104 -10.73 -17.19 -1.38
C SER A 104 -11.23 -16.07 -2.30
N LEU A 105 -11.52 -16.38 -3.56
CA LEU A 105 -11.97 -15.40 -4.52
C LEU A 105 -13.34 -14.85 -4.14
N GLN A 106 -14.16 -15.68 -3.49
CA GLN A 106 -15.43 -15.18 -2.99
C GLN A 106 -15.22 -14.06 -1.99
N TRP A 107 -14.30 -14.26 -1.06
CA TRP A 107 -14.01 -13.20 -0.13
C TRP A 107 -13.57 -11.93 -0.91
N TRP A 108 -12.75 -12.12 -1.95
CA TRP A 108 -12.21 -11.00 -2.69
C TRP A 108 -13.34 -10.27 -3.38
N ASP A 109 -14.35 -10.98 -3.83
CA ASP A 109 -15.48 -10.31 -4.45
C ASP A 109 -16.13 -9.32 -3.51
N GLN A 110 -16.27 -9.72 -2.25
CA GLN A 110 -16.88 -8.84 -1.27
C GLN A 110 -15.92 -7.70 -0.96
N CYS A 111 -14.64 -8.02 -0.75
CA CYS A 111 -13.60 -7.04 -0.49
C CYS A 111 -13.59 -5.98 -1.60
N ILE A 112 -13.63 -6.43 -2.84
CA ILE A 112 -13.52 -5.55 -3.96
C ILE A 112 -14.76 -4.68 -4.07
N ALA A 113 -15.96 -5.24 -3.87
CA ALA A 113 -17.17 -4.45 -3.89
C ALA A 113 -17.09 -3.33 -2.87
N ASP A 114 -16.62 -3.67 -1.68
CA ASP A 114 -16.51 -2.69 -0.63
C ASP A 114 -15.50 -1.59 -0.96
N HIS A 115 -14.34 -1.98 -1.53
CA HIS A 115 -13.35 -1.02 -1.92
C HIS A 115 -13.86 -0.06 -2.99
N LYS A 116 -14.58 -0.58 -3.96
CA LYS A 116 -15.15 0.22 -5.03
C LYS A 116 -16.06 1.28 -4.46
N ALA A 117 -16.88 0.88 -3.48
CA ALA A 117 -17.88 1.76 -2.90
C ALA A 117 -17.21 2.83 -2.07
N ALA A 118 -16.04 2.53 -1.51
CA ALA A 118 -15.27 3.51 -0.75
C ALA A 118 -14.56 4.53 -1.65
N GLY A 119 -14.63 4.35 -2.98
CA GLY A 119 -13.95 5.24 -3.90
C GLY A 119 -12.47 4.89 -4.08
N MET A 120 -12.02 3.71 -3.62
CA MET A 120 -10.64 3.31 -3.74
C MET A 120 -10.23 3.22 -5.22
N SER A 121 -8.96 3.55 -5.50
CA SER A 121 -8.37 3.30 -6.80
C SER A 121 -7.48 2.05 -6.78
N TYR A 122 -6.95 1.71 -5.62
CA TYR A 122 -6.01 0.59 -5.51
C TYR A 122 -6.37 -0.29 -4.33
N ILE A 123 -6.06 -1.58 -4.45
CA ILE A 123 -6.08 -2.48 -3.33
C ILE A 123 -4.74 -3.19 -3.31
N VAL A 124 -4.08 -3.25 -2.16
CA VAL A 124 -2.74 -3.76 -2.09
C VAL A 124 -2.60 -4.79 -0.98
N ALA A 125 -2.11 -5.98 -1.37
CA ALA A 125 -1.83 -7.02 -0.38
C ALA A 125 -0.61 -6.59 0.43
N PRO A 126 -0.69 -6.50 1.76
CA PRO A 126 0.45 -5.99 2.52
C PRO A 126 1.63 -6.94 2.70
N TRP A 127 1.35 -8.23 2.61
CA TRP A 127 2.22 -9.26 3.17
C TRP A 127 1.76 -10.56 2.53
N MET A 128 2.70 -11.44 2.22
CA MET A 128 2.46 -12.86 2.13
C MET A 128 3.66 -13.56 2.77
N ASP A 129 3.43 -14.78 3.24
CA ASP A 129 4.52 -15.61 3.75
C ASP A 129 5.43 -16.11 2.62
N VAL A 130 6.69 -16.36 2.98
CA VAL A 130 7.61 -17.01 2.06
C VAL A 130 7.11 -18.43 1.88
N PRO A 131 6.69 -18.88 0.71
CA PRO A 131 6.22 -20.26 0.62
C PRO A 131 7.41 -21.24 0.59
N LYS A 132 7.09 -22.50 0.79
CA LYS A 132 8.04 -23.59 0.84
C LYS A 132 8.57 -23.84 -0.56
N THR A 133 7.71 -23.86 -1.58
CA THR A 133 8.17 -24.21 -2.92
C THR A 133 7.81 -23.15 -3.95
N LEU A 134 8.49 -23.22 -5.10
CA LEU A 134 8.18 -22.39 -6.23
C LEU A 134 6.79 -22.74 -6.74
N LYS A 135 6.34 -23.96 -6.48
CA LYS A 135 5.02 -24.35 -6.96
C LYS A 135 3.94 -23.58 -6.19
N GLU A 136 4.12 -23.46 -4.89
CA GLU A 136 3.23 -22.66 -4.08
C GLU A 136 3.28 -21.19 -4.54
N LEU A 137 4.47 -20.65 -4.80
CA LEU A 137 4.60 -19.26 -5.13
C LEU A 137 3.89 -19.04 -6.45
N ASP A 138 3.95 -20.07 -7.28
CA ASP A 138 3.28 -20.01 -8.55
C ASP A 138 1.75 -19.90 -8.46
N THR A 139 1.20 -20.68 -7.54
CA THR A 139 -0.22 -20.67 -7.27
C THR A 139 -0.63 -19.28 -6.76
N TYR A 140 0.18 -18.72 -5.86
CA TYR A 140 -0.04 -17.36 -5.38
C TYR A 140 -0.01 -16.38 -6.55
N CYS A 141 0.88 -16.57 -7.52
CA CYS A 141 0.98 -15.65 -8.62
C CYS A 141 -0.30 -15.74 -9.41
N ALA A 142 -0.84 -16.94 -9.58
CA ALA A 142 -2.06 -17.09 -10.35
C ALA A 142 -3.24 -16.48 -9.58
N TYR A 143 -3.28 -16.71 -8.29
CA TYR A 143 -4.32 -16.13 -7.47
C TYR A 143 -4.28 -14.59 -7.54
N TYR A 144 -3.07 -14.00 -7.46
CA TYR A 144 -2.95 -12.55 -7.56
C TYR A 144 -3.40 -12.06 -8.93
N ASN A 145 -3.07 -12.79 -10.00
CA ASN A 145 -3.53 -12.38 -11.30
C ASN A 145 -5.07 -12.32 -11.34
N GLU A 146 -5.72 -13.29 -10.72
CA GLU A 146 -7.17 -13.36 -10.78
C GLU A 146 -7.80 -12.28 -9.87
N ILE A 147 -7.22 -12.06 -8.69
CA ILE A 147 -7.67 -10.97 -7.85
C ILE A 147 -7.57 -9.68 -8.66
N GLY A 148 -6.46 -9.53 -9.37
CA GLY A 148 -6.15 -8.29 -10.07
C GLY A 148 -7.15 -8.04 -11.21
N LYS A 149 -7.51 -9.13 -11.88
CA LYS A 149 -8.51 -9.05 -12.93
C LYS A 149 -9.84 -8.60 -12.32
N ARG A 150 -10.22 -9.16 -11.18
CA ARG A 150 -11.49 -8.78 -10.58
C ARG A 150 -11.46 -7.33 -10.14
N CYS A 151 -10.30 -6.88 -9.65
CA CYS A 151 -10.17 -5.50 -9.25
C CYS A 151 -10.40 -4.60 -10.46
N LYS A 152 -9.74 -4.93 -11.58
CA LYS A 152 -9.89 -4.11 -12.79
C LYS A 152 -11.34 -4.10 -13.28
N GLN A 153 -12.03 -5.24 -13.17
CA GLN A 153 -13.40 -5.31 -13.63
C GLN A 153 -14.28 -4.43 -12.77
N GLN A 154 -13.79 -4.12 -11.57
CA GLN A 154 -14.50 -3.22 -10.66
C GLN A 154 -13.83 -1.84 -10.51
N GLY A 155 -12.95 -1.49 -11.44
CA GLY A 155 -12.46 -0.16 -11.62
C GLY A 155 -11.19 0.18 -10.87
N MET A 156 -10.50 -0.82 -10.34
CA MET A 156 -9.38 -0.60 -9.44
C MET A 156 -8.19 -1.45 -9.84
N SER A 157 -7.02 -1.14 -9.25
N SER A 157 -7.05 -1.23 -9.16
CA SER A 157 -5.80 -1.87 -9.52
CA SER A 157 -5.83 -1.87 -9.56
C SER A 157 -5.33 -2.58 -8.26
C SER A 157 -5.18 -2.52 -8.33
N PHE A 158 -4.92 -3.83 -8.44
CA PHE A 158 -4.36 -4.64 -7.40
C PHE A 158 -2.84 -4.64 -7.45
N GLY A 159 -2.26 -4.53 -6.26
CA GLY A 159 -0.82 -4.59 -6.11
C GLY A 159 -0.38 -5.32 -4.86
N TYR A 160 0.94 -5.52 -4.85
CA TYR A 160 1.59 -6.34 -3.84
C TYR A 160 2.69 -5.50 -3.17
N HIS A 161 2.61 -5.43 -1.86
CA HIS A 161 3.55 -4.68 -1.04
C HIS A 161 4.54 -5.62 -0.37
N ASN A 162 5.82 -5.25 -0.48
CA ASN A 162 6.93 -6.07 0.04
C ASN A 162 7.39 -5.60 1.42
N HIS A 163 8.02 -6.52 2.14
CA HIS A 163 8.98 -6.23 3.20
C HIS A 163 10.37 -6.67 2.67
N ALA A 164 11.17 -7.32 3.52
CA ALA A 164 12.55 -7.73 3.17
C ALA A 164 12.58 -9.22 2.85
N HIS A 165 11.62 -9.97 3.37
CA HIS A 165 11.68 -11.41 3.27
C HIS A 165 11.57 -11.89 1.82
N GLU A 166 11.01 -11.07 0.93
CA GLU A 166 10.85 -11.50 -0.44
C GLU A 166 12.20 -11.56 -1.17
N PHE A 167 13.26 -10.97 -0.57
CA PHE A 167 14.56 -11.01 -1.21
C PHE A 167 15.29 -12.32 -0.92
N GLN A 168 14.71 -13.21 -0.09
CA GLN A 168 15.23 -14.55 0.07
C GLN A 168 14.88 -15.42 -1.13
N LYS A 169 15.53 -16.59 -1.18
CA LYS A 169 15.34 -17.53 -2.27
C LYS A 169 14.38 -18.61 -1.86
N VAL A 170 13.59 -19.06 -2.84
CA VAL A 170 12.71 -20.19 -2.73
C VAL A 170 13.17 -21.17 -3.82
N GLU A 171 13.52 -22.39 -3.39
CA GLU A 171 14.32 -23.24 -4.25
C GLU A 171 15.47 -22.33 -4.68
N ASP A 172 15.81 -22.18 -5.94
CA ASP A 172 17.01 -21.33 -6.01
C ASP A 172 16.68 -19.99 -6.64
N LYS A 173 15.48 -19.47 -6.39
CA LYS A 173 15.03 -18.27 -7.08
C LYS A 173 14.59 -17.20 -6.07
N VAL A 174 15.03 -15.97 -6.30
CA VAL A 174 14.57 -14.93 -5.42
C VAL A 174 13.05 -14.77 -5.57
N MET A 175 12.36 -14.77 -4.45
CA MET A 175 10.90 -14.75 -4.43
C MET A 175 10.35 -13.51 -5.14
N TYR A 176 10.92 -12.33 -4.84
CA TYR A 176 10.40 -11.08 -5.38
C TYR A 176 10.46 -11.15 -6.90
N ASP A 177 11.63 -11.55 -7.43
CA ASP A 177 11.86 -11.59 -8.85
C ASP A 177 10.86 -12.54 -9.48
N TYR A 178 10.69 -13.70 -8.86
CA TYR A 178 9.78 -14.68 -9.40
C TYR A 178 8.35 -14.12 -9.45
N MET A 179 7.94 -13.45 -8.39
CA MET A 179 6.59 -12.91 -8.33
C MET A 179 6.38 -11.91 -9.46
N ILE A 180 7.38 -11.06 -9.66
CA ILE A 180 7.27 -10.05 -10.71
C ILE A 180 7.20 -10.74 -12.06
N GLU A 181 8.06 -11.74 -12.29
CA GLU A 181 8.14 -12.34 -13.60
C GLU A 181 6.91 -13.22 -13.89
N HIS A 182 6.18 -13.68 -12.88
CA HIS A 182 5.08 -14.59 -13.12
C HIS A 182 3.73 -13.96 -12.78
N THR A 183 3.61 -12.64 -12.79
CA THR A 183 2.32 -11.99 -12.65
C THR A 183 2.11 -11.13 -13.89
N ASN A 184 0.84 -10.99 -14.24
CA ASN A 184 0.44 -10.24 -15.41
C ASN A 184 0.53 -8.75 -15.06
N PRO A 185 1.36 -7.97 -15.79
CA PRO A 185 1.55 -6.56 -15.48
C PRO A 185 0.28 -5.75 -15.56
N GLU A 186 -0.72 -6.21 -16.35
CA GLU A 186 -2.00 -5.51 -16.42
C GLU A 186 -2.73 -5.59 -15.08
N TYR A 187 -2.51 -6.66 -14.35
CA TYR A 187 -3.39 -6.98 -13.25
C TYR A 187 -2.69 -6.97 -11.89
N VAL A 188 -1.37 -6.98 -11.89
CA VAL A 188 -0.65 -6.95 -10.62
C VAL A 188 0.49 -5.96 -10.77
N PHE A 189 0.50 -4.94 -9.92
CA PHE A 189 1.71 -4.12 -9.80
C PHE A 189 2.37 -4.37 -8.43
N PHE A 190 3.55 -3.77 -8.26
CA PHE A 190 4.32 -3.94 -7.04
C PHE A 190 4.39 -2.58 -6.35
N GLN A 191 3.88 -2.54 -5.11
CA GLN A 191 3.93 -1.33 -4.32
C GLN A 191 5.28 -1.40 -3.59
N MET A 192 6.31 -0.82 -4.20
CA MET A 192 7.64 -1.11 -3.67
C MET A 192 7.83 -0.30 -2.40
N ASP A 193 8.11 -1.03 -1.34
CA ASP A 193 8.51 -0.45 -0.07
C ASP A 193 10.03 -0.33 -0.06
N VAL A 194 10.48 0.83 -0.51
CA VAL A 194 11.88 1.07 -0.83
C VAL A 194 12.76 0.87 0.40
N TYR A 195 12.30 1.30 1.57
CA TYR A 195 13.00 1.09 2.82
C TYR A 195 13.27 -0.37 3.04
N TRP A 196 12.25 -1.21 2.88
CA TRP A 196 12.43 -2.63 3.07
C TRP A 196 13.29 -3.30 2.00
N VAL A 197 13.23 -2.81 0.76
CA VAL A 197 14.14 -3.33 -0.25
C VAL A 197 15.59 -3.12 0.23
N VAL A 198 15.92 -1.91 0.65
CA VAL A 198 17.25 -1.60 1.13
C VAL A 198 17.60 -2.40 2.38
N ARG A 199 16.70 -2.49 3.36
CA ARG A 199 16.92 -3.39 4.48
C ARG A 199 17.18 -4.81 4.00
N GLY A 200 16.52 -5.26 2.92
CA GLY A 200 16.72 -6.61 2.39
C GLY A 200 17.98 -6.69 1.48
N GLN A 201 18.81 -5.65 1.51
CA GLN A 201 20.14 -5.66 0.89
C GLN A 201 20.05 -5.51 -0.61
N ASN A 202 19.04 -4.80 -1.12
CA ASN A 202 18.86 -4.75 -2.57
C ASN A 202 18.68 -3.32 -2.96
N SER A 203 18.73 -3.11 -4.28
CA SER A 203 18.74 -1.79 -4.89
C SER A 203 17.36 -1.55 -5.49
N PRO A 204 16.60 -0.55 -5.00
CA PRO A 204 15.38 -0.14 -5.66
C PRO A 204 15.58 0.18 -7.12
N VAL A 205 16.62 0.94 -7.42
CA VAL A 205 16.88 1.37 -8.79
C VAL A 205 17.17 0.16 -9.70
N ASP A 206 17.94 -0.82 -9.26
CA ASP A 206 18.21 -1.94 -10.09
C ASP A 206 16.90 -2.70 -10.40
N TYR A 207 15.98 -2.79 -9.44
CA TYR A 207 14.69 -3.43 -9.66
C TYR A 207 13.91 -2.64 -10.71
N PHE A 208 13.93 -1.33 -10.63
CA PHE A 208 13.25 -0.48 -11.59
C PHE A 208 13.76 -0.74 -13.00
N ASN A 209 15.09 -0.84 -13.12
CA ASN A 209 15.71 -0.99 -14.42
C ASN A 209 15.45 -2.39 -14.95
N LYS A 210 15.39 -3.36 -14.06
CA LYS A 210 15.18 -4.71 -14.52
C LYS A 210 13.71 -4.95 -14.85
N TYR A 211 12.76 -4.27 -14.16
CA TYR A 211 11.32 -4.48 -14.41
C TYR A 211 10.57 -3.18 -14.57
N PRO A 212 10.91 -2.42 -15.60
CA PRO A 212 10.38 -1.07 -15.75
C PRO A 212 8.86 -1.11 -15.81
N GLY A 213 8.24 -0.12 -15.17
CA GLY A 213 6.80 0.09 -15.21
C GLY A 213 6.02 -0.74 -14.19
N ARG A 214 6.63 -1.69 -13.49
CA ARG A 214 5.87 -2.53 -12.60
C ARG A 214 5.56 -1.88 -11.24
N PHE A 215 6.22 -0.77 -10.91
CA PHE A 215 6.20 -0.25 -9.55
C PHE A 215 5.32 1.00 -9.53
N LYS A 216 4.00 0.78 -9.58
CA LYS A 216 3.08 1.86 -9.80
C LYS A 216 2.78 2.64 -8.54
N MET A 217 3.14 2.11 -7.40
CA MET A 217 3.13 2.89 -6.18
C MET A 217 4.44 2.69 -5.43
N PHE A 218 4.91 3.71 -4.72
CA PHE A 218 5.95 3.53 -3.72
C PHE A 218 5.35 3.68 -2.34
N HIS A 219 5.79 2.82 -1.44
CA HIS A 219 5.75 3.13 -0.03
C HIS A 219 7.06 3.82 0.37
N ILE A 220 6.91 5.05 0.81
CA ILE A 220 7.99 5.91 1.23
C ILE A 220 8.00 5.90 2.76
N LYS A 221 8.90 5.08 3.28
CA LYS A 221 9.10 4.88 4.71
C LYS A 221 10.61 4.99 5.01
N ASP A 222 10.94 5.14 6.29
CA ASP A 222 12.31 5.23 6.75
C ASP A 222 12.30 4.59 8.12
N HIS A 223 13.45 4.62 8.77
CA HIS A 223 13.64 4.00 10.07
C HIS A 223 12.70 4.65 11.10
N ARG A 224 12.66 5.97 11.08
CA ARG A 224 11.70 6.72 11.86
C ARG A 224 11.15 7.78 10.93
N GLU A 225 11.36 9.05 11.22
CA GLU A 225 10.84 10.05 10.31
C GLU A 225 11.41 9.85 8.90
N ILE A 226 10.60 10.16 7.89
CA ILE A 226 11.01 9.96 6.53
C ILE A 226 12.16 10.89 6.18
N GLY A 227 13.23 10.30 5.65
CA GLY A 227 14.32 11.10 5.13
C GLY A 227 15.34 11.48 6.21
N GLN A 228 15.28 10.88 7.42
CA GLN A 228 16.06 11.35 8.56
C GLN A 228 17.25 10.41 8.81
N SER A 229 17.19 9.14 8.42
CA SER A 229 18.06 8.14 9.00
C SER A 229 19.42 8.03 8.27
N GLY A 230 19.47 8.36 6.97
CA GLY A 230 20.59 8.02 6.09
C GLY A 230 20.45 6.64 5.43
N MET A 231 19.35 5.91 5.70
CA MET A 231 19.23 4.53 5.32
C MET A 231 18.53 4.35 3.95
N VAL A 232 18.05 5.41 3.31
CA VAL A 232 17.30 5.22 2.07
C VAL A 232 17.72 6.32 1.13
N GLY A 233 18.21 5.89 -0.05
CA GLY A 233 18.60 6.85 -1.08
C GLY A 233 17.41 7.34 -1.90
N PHE A 234 16.55 8.14 -1.24
CA PHE A 234 15.37 8.72 -1.89
C PHE A 234 15.73 9.50 -3.14
N ASP A 235 16.86 10.21 -3.12
CA ASP A 235 17.20 11.02 -4.28
C ASP A 235 17.35 10.15 -5.53
N ALA A 236 18.03 9.01 -5.41
CA ALA A 236 18.26 8.14 -6.54
C ALA A 236 16.94 7.47 -6.93
N ILE A 237 16.13 7.09 -5.94
CA ILE A 237 14.85 6.44 -6.20
C ILE A 237 13.98 7.35 -7.05
N PHE A 238 13.87 8.59 -6.63
CA PHE A 238 12.99 9.55 -7.29
C PHE A 238 13.55 9.93 -8.65
N LYS A 239 14.88 10.01 -8.75
CA LYS A 239 15.47 10.31 -10.04
C LYS A 239 15.05 9.23 -11.05
N ASN A 240 14.89 7.98 -10.61
CA ASN A 240 14.53 6.89 -11.49
C ASN A 240 13.02 6.55 -11.49
N ALA A 241 12.18 7.47 -11.04
CA ALA A 241 10.76 7.22 -10.82
C ALA A 241 10.04 6.92 -12.14
N LYS A 242 10.48 7.56 -13.21
CA LYS A 242 9.85 7.30 -14.51
C LYS A 242 10.01 5.85 -14.91
N THR A 243 11.23 5.28 -14.75
CA THR A 243 11.48 3.91 -15.10
C THR A 243 10.60 3.02 -14.24
N ALA A 244 10.51 3.35 -12.93
CA ALA A 244 9.72 2.51 -12.03
C ALA A 244 8.27 2.36 -12.51
N GLY A 245 7.71 3.47 -13.00
CA GLY A 245 6.33 3.58 -13.43
C GLY A 245 5.43 4.10 -12.33
N VAL A 246 6.01 4.76 -11.33
CA VAL A 246 5.24 5.12 -10.15
C VAL A 246 4.20 6.18 -10.48
N LYS A 247 3.01 6.02 -9.91
CA LYS A 247 1.90 6.96 -10.11
C LYS A 247 1.50 7.62 -8.80
N HIS A 248 1.73 6.93 -7.66
CA HIS A 248 1.37 7.48 -6.37
C HIS A 248 2.45 7.12 -5.36
N LEU A 249 2.62 8.02 -4.40
CA LEU A 249 3.51 7.92 -3.24
C LEU A 249 2.67 7.83 -1.97
N VAL A 250 2.96 6.80 -1.19
CA VAL A 250 2.34 6.58 0.09
C VAL A 250 3.40 6.67 1.18
N ALA A 251 3.27 7.69 2.02
CA ALA A 251 4.13 7.88 3.18
C ALA A 251 3.68 6.98 4.30
N GLU A 252 4.64 6.31 4.94
CA GLU A 252 4.36 5.52 6.12
C GLU A 252 5.40 5.84 7.20
N ILE A 253 4.93 6.00 8.43
CA ILE A 253 5.76 6.28 9.59
C ILE A 253 5.26 5.46 10.75
N GLU A 254 6.03 4.47 11.16
CA GLU A 254 5.54 3.54 12.17
C GLU A 254 6.40 3.61 13.44
N SER A 255 7.43 4.42 13.42
CA SER A 255 8.32 4.50 14.58
C SER A 255 8.83 5.93 14.64
N TYR A 256 8.87 6.51 15.87
CA TYR A 256 8.75 7.96 15.97
C TYR A 256 9.81 8.54 16.93
N SER A 257 10.22 9.77 16.65
CA SER A 257 11.26 10.50 17.36
C SER A 257 10.60 11.59 18.18
N MET A 258 9.27 11.67 18.10
CA MET A 258 8.54 12.81 18.58
C MET A 258 7.08 12.36 18.60
N PRO A 259 6.15 13.23 19.02
CA PRO A 259 4.73 12.84 19.03
C PRO A 259 4.31 12.46 17.61
N VAL A 260 3.44 11.45 17.54
CA VAL A 260 3.05 10.83 16.27
C VAL A 260 2.65 11.88 15.25
N GLU A 261 1.69 12.73 15.61
CA GLU A 261 1.18 13.61 14.56
C GLU A 261 2.25 14.54 14.00
N LYS A 262 3.16 14.91 14.91
CA LYS A 262 4.24 15.80 14.50
C LYS A 262 5.22 15.03 13.60
N SER A 263 5.58 13.82 14.03
CA SER A 263 6.41 12.89 13.26
C SER A 263 5.88 12.70 11.84
N VAL A 264 4.56 12.51 11.72
CA VAL A 264 3.93 12.26 10.43
C VAL A 264 4.02 13.50 9.57
N GLU A 265 3.93 14.65 10.24
CA GLU A 265 3.97 15.88 9.48
C GLU A 265 5.39 16.25 9.01
N VAL A 266 6.39 16.06 9.86
CA VAL A 266 7.76 16.37 9.42
C VAL A 266 8.20 15.38 8.33
N SER A 267 7.73 14.13 8.43
CA SER A 267 7.94 13.14 7.39
C SER A 267 7.45 13.64 6.06
N LEU A 268 6.22 14.17 6.03
CA LEU A 268 5.71 14.75 4.80
C LEU A 268 6.59 15.90 4.33
N ASP A 269 6.95 16.76 5.28
CA ASP A 269 7.69 17.97 4.94
C ASP A 269 9.01 17.67 4.23
N TYR A 270 9.65 16.58 4.61
CA TYR A 270 10.80 16.08 3.85
C TYR A 270 10.48 15.95 2.37
N LEU A 271 9.34 15.33 2.01
CA LEU A 271 8.99 15.13 0.60
C LEU A 271 8.64 16.44 -0.08
N LEU A 272 7.89 17.30 0.66
CA LEU A 272 7.47 18.59 0.11
C LEU A 272 8.67 19.51 -0.17
N ASP A 273 9.74 19.40 0.64
CA ASP A 273 10.95 20.21 0.50
C ASP A 273 11.97 19.57 -0.43
N ALA A 274 11.93 18.25 -0.60
CA ALA A 274 12.81 17.56 -1.53
C ALA A 274 12.62 18.01 -2.98
N PRO A 275 13.63 18.60 -3.64
CA PRO A 275 13.46 19.04 -5.02
C PRO A 275 13.28 17.91 -6.01
N PHE A 276 13.71 16.71 -5.66
CA PHE A 276 13.57 15.58 -6.58
C PHE A 276 12.19 14.90 -6.49
N VAL A 277 11.32 15.32 -5.57
CA VAL A 277 9.96 14.81 -5.51
C VAL A 277 9.04 15.72 -6.30
N LYS A 278 8.50 15.17 -7.36
CA LYS A 278 7.60 15.97 -8.17
C LYS A 278 6.27 16.21 -7.47
N SER A 279 5.50 17.15 -7.99
CA SER A 279 4.29 17.57 -7.33
C SER A 279 3.13 16.59 -7.63
N SER A 280 3.29 15.78 -8.68
CA SER A 280 2.35 14.71 -8.96
C SER A 280 3.05 13.66 -9.80
N TYR A 281 2.73 12.38 -9.59
CA TYR A 281 3.18 11.31 -10.48
C TYR A 281 2.03 10.76 -11.30
N ALA A 282 0.87 11.39 -11.23
CA ALA A 282 -0.25 10.94 -12.05
C ALA A 282 -0.81 12.08 -12.89
N LYS A 283 -0.01 12.76 -13.71
CA LYS A 283 -0.51 13.80 -14.60
C LYS A 283 -0.78 13.23 -16.00
C4 UC6 B . 4.31 -2.44 7.93
C5 UC6 B . 3.93 -1.40 6.91
C6 UC6 B . 2.47 -1.37 6.49
O1 UC6 B . -0.18 -2.08 6.23
C1 UC6 B . 0.74 -3.12 5.94
C2 UC6 B . 2.17 -2.69 5.77
O2 UC6 B . 3.01 -3.78 6.29
C3 UC6 B . 3.56 -3.66 7.63
O3 UC6 B . 5.76 -2.52 7.89
O4 UC6 B . 4.75 -0.72 6.37
O5 UC6 B . 2.22 -0.23 5.67
CO CO C . 5.36 0.25 4.21
P PO4 D . -3.62 11.93 -4.64
O1 PO4 D . -2.80 11.80 -5.91
O2 PO4 D . -2.74 11.70 -3.33
O3 PO4 D . -4.66 10.82 -4.73
O4 PO4 D . -4.32 13.26 -4.61
P PO4 E . -21.71 -2.71 15.18
O1 PO4 E . -21.93 -3.25 13.73
O2 PO4 E . -20.85 -3.67 16.02
O3 PO4 E . -23.12 -2.47 15.84
O4 PO4 E . -20.93 -1.38 15.11
P PO4 F . -13.89 -10.44 7.00
O1 PO4 F . -12.91 -9.45 6.34
O2 PO4 F . -13.23 -11.81 7.21
O3 PO4 F . -15.12 -10.64 6.09
O4 PO4 F . -14.32 -9.87 8.36
P PO4 G . 1.96 -0.31 17.94
O1 PO4 G . 3.06 -0.92 17.04
O2 PO4 G . 2.18 -0.79 19.37
O3 PO4 G . 0.58 -0.77 17.44
O4 PO4 G . 2.06 1.23 17.91
P PO4 H . -5.71 6.85 -10.48
O1 PO4 H . -4.19 7.20 -10.41
O2 PO4 H . -5.90 5.28 -10.76
O3 PO4 H . -6.37 7.61 -11.64
O4 PO4 H . -6.36 7.33 -9.15
P PO4 I . 6.17 18.90 -11.34
O1 PO4 I . 7.15 18.64 -12.51
O2 PO4 I . 5.07 17.80 -11.34
O3 PO4 I . 6.93 18.90 -10.01
O4 PO4 I . 5.53 20.30 -11.50
#